data_3SBU
#
_entry.id   3SBU
#
_cell.length_a   80.485
_cell.length_b   80.485
_cell.length_c   196.096
_cell.angle_alpha   90.000
_cell.angle_beta   90.000
_cell.angle_gamma   120.000
#
_symmetry.space_group_name_H-M   'P 61'
#
loop_
_entity.id
_entity.type
_entity.pdbx_description
1 polymer 'Hypothetical ntf2-like protein'
2 non-polymer GLYCEROL
3 non-polymer DI(HYDROXYETHYL)ETHER
4 water water
#
_entity_poly.entity_id   1
_entity_poly.type   'polypeptide(L)'
_entity_poly.pdbx_seq_one_letter_code
;GADPFASITHLVDSA(MSE)VN(MLY)TDSIDRE(MLY)TSDEP(MLY)PIEADESFDDFIYNFASDDALQRQRVVFPLP
YYNGERAS(MLY)IDR(MLY)YW(MLY)HDDLFA(MLY)QSYYTLLFDREED(MSE)DLVGDTSLTSVQVEWIFV(MLY)
(MLY)R(MSE)V(MLY)(MLY)YYFERI(MLY)GAW(MSE)LEAINLRPIEENENEDFVEFFGHFATDSIFQSRRIRQPL
VFVTTDPDDDFSILETTLDLNQWFAF(MLY)PALPAD(MLY)LSNINYGQQNDDNASHKILAL(MLY)GIGNGFSNILYF
QR(MLY)DSGWELY(MLY)FEDTSI
;
_entity_poly.pdbx_strand_id   A,B
#
loop_
_chem_comp.id
_chem_comp.type
_chem_comp.name
_chem_comp.formula
GOL non-polymer GLYCEROL 'C3 H8 O3'
PEG non-polymer DI(HYDROXYETHYL)ETHER 'C4 H10 O3'
#
# COMPACT_ATOMS: atom_id res chain seq x y z
N PRO A 32 41.22 11.46 -14.91
CA PRO A 32 40.27 10.72 -14.06
C PRO A 32 40.28 9.23 -14.38
N MLY A 33 40.71 8.40 -13.42
CA MLY A 33 40.74 6.95 -13.59
CB MLY A 33 41.70 6.29 -12.60
C MLY A 33 39.33 6.35 -13.44
O MLY A 33 38.71 6.55 -12.39
N PRO A 34 38.84 5.62 -14.46
CA PRO A 34 37.49 5.02 -14.37
C PRO A 34 37.40 3.93 -13.31
N ILE A 35 36.30 3.94 -12.53
CA ILE A 35 36.03 3.00 -11.43
C ILE A 35 34.86 2.07 -11.80
N GLU A 36 34.50 1.13 -10.90
CA GLU A 36 33.40 0.17 -11.05
C GLU A 36 32.04 0.87 -11.09
N ALA A 37 31.91 2.03 -10.40
CA ALA A 37 30.70 2.87 -10.34
C ALA A 37 30.33 3.48 -11.70
N ASP A 38 31.33 3.73 -12.56
CA ASP A 38 31.19 4.34 -13.89
C ASP A 38 30.43 3.45 -14.92
N GLU A 39 30.31 2.11 -14.66
CA GLU A 39 29.64 1.14 -15.53
CA GLU A 39 29.62 1.13 -15.51
C GLU A 39 28.24 1.65 -15.94
N SER A 40 27.60 2.45 -15.07
CA SER A 40 26.31 3.07 -15.29
C SER A 40 26.25 4.40 -14.54
N PHE A 41 25.43 5.32 -15.04
CA PHE A 41 25.24 6.63 -14.45
C PHE A 41 24.63 6.53 -13.06
N ASP A 42 23.58 5.68 -12.90
CA ASP A 42 22.85 5.48 -11.64
C ASP A 42 23.78 5.01 -10.50
N ASP A 43 24.76 4.13 -10.79
CA ASP A 43 25.74 3.67 -9.80
C ASP A 43 26.71 4.79 -9.45
N PHE A 44 27.22 5.49 -10.49
CA PHE A 44 28.16 6.61 -10.34
C PHE A 44 27.58 7.73 -9.50
N ILE A 45 26.35 8.18 -9.85
CA ILE A 45 25.70 9.32 -9.22
C ILE A 45 25.51 9.11 -7.71
N TYR A 46 25.15 7.88 -7.27
CA TYR A 46 25.01 7.61 -5.84
C TYR A 46 26.35 7.74 -5.15
N ASN A 47 27.44 7.25 -5.77
CA ASN A 47 28.78 7.33 -5.19
C ASN A 47 29.34 8.75 -5.24
N PHE A 48 29.04 9.51 -6.32
CA PHE A 48 29.48 10.91 -6.48
C PHE A 48 28.91 11.78 -5.35
N ALA A 49 27.65 11.54 -5.01
CA ALA A 49 26.94 12.29 -3.98
C ALA A 49 27.26 11.82 -2.54
N SER A 50 27.57 10.52 -2.33
CA SER A 50 27.84 10.01 -0.98
C SER A 50 29.32 9.97 -0.59
N ASP A 51 30.24 10.04 -1.58
CA ASP A 51 31.69 10.00 -1.32
C ASP A 51 32.34 11.34 -1.66
N ASP A 52 32.68 12.14 -0.63
CA ASP A 52 33.28 13.47 -0.75
C ASP A 52 34.59 13.44 -1.55
N ALA A 53 35.48 12.48 -1.28
CA ALA A 53 36.77 12.34 -1.96
C ALA A 53 36.61 12.07 -3.46
N LEU A 54 35.67 11.19 -3.83
CA LEU A 54 35.37 10.90 -5.24
C LEU A 54 34.81 12.16 -5.94
N GLN A 55 33.85 12.89 -5.31
CA GLN A 55 33.24 14.10 -5.87
C GLN A 55 34.31 15.13 -6.28
N ARG A 56 35.35 15.38 -5.44
CA ARG A 56 36.41 16.35 -5.72
C ARG A 56 37.25 15.99 -6.97
N GLN A 57 37.33 14.69 -7.29
CA GLN A 57 38.06 14.22 -8.47
C GLN A 57 37.20 14.29 -9.73
N ARG A 58 35.87 14.20 -9.61
CA ARG A 58 35.00 14.14 -10.79
C ARG A 58 34.29 15.47 -11.12
N VAL A 59 34.82 16.60 -10.64
CA VAL A 59 34.28 17.93 -10.98
C VAL A 59 35.37 18.65 -11.77
N VAL A 60 35.03 19.12 -13.00
CA VAL A 60 35.96 19.87 -13.86
C VAL A 60 36.15 21.25 -13.22
N PHE A 61 37.40 21.67 -12.99
CA PHE A 61 37.71 22.97 -12.40
C PHE A 61 38.61 23.81 -13.30
N PRO A 62 38.38 25.14 -13.45
CA PRO A 62 37.24 25.93 -12.91
C PRO A 62 35.94 25.45 -13.55
N LEU A 63 34.89 25.24 -12.74
CA LEU A 63 33.61 24.71 -13.22
C LEU A 63 32.73 25.81 -13.81
N PRO A 64 32.43 25.75 -15.12
CA PRO A 64 31.50 26.74 -15.70
C PRO A 64 30.12 26.65 -15.02
N TYR A 65 29.67 27.78 -14.42
CA TYR A 65 28.39 27.92 -13.73
C TYR A 65 27.59 29.03 -14.44
N TYR A 66 26.42 28.72 -14.98
CA TYR A 66 25.68 29.75 -15.69
C TYR A 66 24.41 30.13 -14.95
N ASN A 67 24.33 31.41 -14.54
CA ASN A 67 23.16 32.00 -13.90
C ASN A 67 22.36 32.64 -15.00
N GLY A 68 21.69 31.79 -15.78
CA GLY A 68 21.01 32.26 -16.97
C GLY A 68 22.08 32.57 -18.01
N GLU A 69 22.03 33.77 -18.60
CA GLU A 69 23.01 34.16 -19.61
C GLU A 69 24.32 34.70 -18.99
N ARG A 70 24.37 34.85 -17.65
CA ARG A 70 25.53 35.35 -16.91
C ARG A 70 26.48 34.21 -16.61
N ALA A 71 27.68 34.20 -17.22
CA ALA A 71 28.65 33.14 -17.02
C ALA A 71 29.51 33.38 -15.77
N SER A 72 29.71 32.34 -14.98
CA SER A 72 30.50 32.32 -13.74
C SER A 72 31.37 31.03 -13.73
N MLY A 73 32.32 30.97 -12.78
CA MLY A 73 33.23 29.84 -12.67
CB MLY A 73 34.50 30.34 -13.31
CG MLY A 73 34.95 29.41 -14.40
CD MLY A 73 34.83 30.11 -15.74
CE MLY A 73 35.02 29.01 -16.80
NZ MLY A 73 34.77 29.59 -18.12
CH1 MLY A 73 35.50 28.71 -19.06
CH2 MLY A 73 33.30 29.51 -18.34
C MLY A 73 33.49 29.54 -11.21
O MLY A 73 33.80 30.47 -10.46
N ILE A 74 33.37 28.27 -10.80
CA ILE A 74 33.63 27.94 -9.40
C ILE A 74 34.93 27.15 -9.31
N ASP A 75 35.91 27.73 -8.58
CA ASP A 75 37.26 27.20 -8.37
C ASP A 75 37.23 26.07 -7.33
N ARG A 76 38.22 25.16 -7.40
CA ARG A 76 38.35 23.97 -6.55
C ARG A 76 38.20 24.26 -5.04
N MLY A 77 38.90 25.29 -4.54
CA MLY A 77 38.90 25.64 -3.12
CB MLY A 77 39.86 26.82 -2.92
C MLY A 77 37.51 26.05 -2.55
O MLY A 77 37.28 25.82 -1.36
N TYR A 78 36.61 26.62 -3.37
CA TYR A 78 35.30 27.06 -2.89
C TYR A 78 34.16 26.08 -3.24
N TRP A 79 34.50 24.83 -3.60
CA TRP A 79 33.48 23.82 -3.90
C TRP A 79 32.93 23.23 -2.58
N MLY A 80 31.60 23.24 -2.43
CA MLY A 80 30.93 22.67 -1.28
CB MLY A 80 29.90 23.62 -0.69
C MLY A 80 30.30 21.34 -1.68
O MLY A 80 29.61 21.28 -2.71
N HIS A 81 30.55 20.27 -0.89
CA HIS A 81 30.02 18.94 -1.18
C HIS A 81 28.53 19.00 -1.44
N ASP A 82 28.13 18.45 -2.59
CA ASP A 82 26.74 18.40 -3.03
C ASP A 82 26.25 16.96 -2.89
N ASP A 83 25.29 16.75 -1.98
CA ASP A 83 24.69 15.43 -1.71
C ASP A 83 23.67 15.04 -2.78
N LEU A 84 23.25 16.00 -3.63
CA LEU A 84 22.20 15.79 -4.62
C LEU A 84 20.97 15.17 -3.89
N PHE A 85 20.43 14.05 -4.36
CA PHE A 85 19.27 13.41 -3.72
C PHE A 85 19.64 12.15 -2.90
N ALA A 86 20.95 11.84 -2.76
CA ALA A 86 21.46 10.62 -2.09
C ALA A 86 21.02 10.43 -0.63
N MLY A 87 20.76 11.52 0.11
CA MLY A 87 20.35 11.40 1.51
CB MLY A 87 20.87 12.57 2.38
CG MLY A 87 22.40 12.59 2.40
C MLY A 87 18.82 11.28 1.69
O MLY A 87 18.35 11.09 2.81
N GLN A 88 18.05 11.38 0.58
CA GLN A 88 16.59 11.27 0.60
C GLN A 88 16.14 9.82 0.69
N SER A 89 14.87 9.60 1.07
CA SER A 89 14.29 8.25 1.11
C SER A 89 13.89 7.80 -0.30
N TYR A 90 13.61 8.78 -1.21
CA TYR A 90 13.22 8.54 -2.60
C TYR A 90 13.61 9.72 -3.50
N TYR A 91 13.64 9.50 -4.83
CA TYR A 91 13.87 10.57 -5.78
C TYR A 91 12.84 10.47 -6.89
N THR A 92 12.77 11.50 -7.74
CA THR A 92 11.77 11.56 -8.78
C THR A 92 12.42 11.62 -10.15
N LEU A 93 11.67 11.14 -11.16
CA LEU A 93 12.00 11.17 -12.58
C LEU A 93 10.74 11.61 -13.31
N LEU A 94 10.90 12.36 -14.41
CA LEU A 94 9.76 12.85 -15.18
C LEU A 94 9.86 12.45 -16.62
N PHE A 95 8.72 12.07 -17.19
CA PHE A 95 8.59 11.66 -18.59
C PHE A 95 7.32 12.26 -19.16
N ASP A 96 7.19 12.27 -20.48
CA ASP A 96 6.00 12.71 -21.21
C ASP A 96 5.25 11.51 -21.78
N ARG A 97 5.98 10.40 -21.99
CA ARG A 97 5.51 9.16 -22.63
C ARG A 97 6.08 7.97 -21.91
N GLU A 98 5.28 6.91 -21.74
CA GLU A 98 5.64 5.71 -20.99
C GLU A 98 6.84 5.02 -21.62
N GLU A 99 6.91 4.93 -22.96
CA GLU A 99 8.01 4.20 -23.63
C GLU A 99 9.37 4.85 -23.37
N ASP A 100 9.41 6.16 -23.04
CA ASP A 100 10.65 6.86 -22.72
C ASP A 100 11.28 6.40 -21.40
N MSE A 101 10.53 5.66 -20.56
CA MSE A 101 11.08 5.08 -19.34
C MSE A 101 12.08 3.99 -19.67
O MSE A 101 12.90 3.66 -18.82
CB MSE A 101 9.96 4.54 -18.43
CG MSE A 101 9.01 5.67 -18.01
SE MSE A 101 7.89 5.24 -16.49
CE MSE A 101 6.86 4.32 -17.23
N ASP A 102 12.08 3.48 -20.92
CA ASP A 102 13.08 2.50 -21.39
C ASP A 102 14.48 3.10 -21.34
N LEU A 103 14.56 4.44 -21.42
CA LEU A 103 15.85 5.13 -21.49
C LEU A 103 16.63 5.07 -20.19
N VAL A 104 15.96 4.81 -19.06
CA VAL A 104 16.61 4.70 -17.73
C VAL A 104 17.72 3.61 -17.76
N GLY A 105 17.44 2.50 -18.42
CA GLY A 105 18.38 1.40 -18.58
C GLY A 105 19.40 1.48 -19.72
N ASP A 106 19.51 2.64 -20.41
CA ASP A 106 20.43 2.79 -21.54
C ASP A 106 21.89 3.00 -21.04
N THR A 107 22.75 1.98 -21.20
CA THR A 107 24.15 2.01 -20.73
C THR A 107 25.08 2.64 -21.77
N SER A 108 24.58 2.92 -22.99
CA SER A 108 25.35 3.58 -24.05
C SER A 108 25.45 5.12 -23.81
N LEU A 109 24.73 5.67 -22.83
CA LEU A 109 24.72 7.14 -22.54
C LEU A 109 26.09 7.66 -22.09
N THR A 110 26.54 8.77 -22.72
CA THR A 110 27.84 9.38 -22.41
C THR A 110 27.65 10.82 -21.89
N SER A 111 26.41 11.31 -21.86
CA SER A 111 26.06 12.61 -21.31
C SER A 111 24.67 12.52 -20.69
N VAL A 112 24.58 12.81 -19.39
CA VAL A 112 23.37 12.76 -18.56
C VAL A 112 23.31 14.02 -17.71
N GLN A 113 22.12 14.55 -17.46
CA GLN A 113 21.97 15.72 -16.59
C GLN A 113 21.09 15.39 -15.42
N VAL A 114 21.43 15.94 -14.26
CA VAL A 114 20.63 15.84 -13.05
C VAL A 114 20.00 17.21 -12.86
N GLU A 115 18.70 17.22 -12.55
CA GLU A 115 17.95 18.47 -12.39
C GLU A 115 17.26 18.59 -11.06
N TRP A 116 17.25 19.82 -10.51
CA TRP A 116 16.40 20.19 -9.40
C TRP A 116 15.35 21.12 -10.00
N ILE A 117 14.08 20.83 -9.80
CA ILE A 117 13.01 21.68 -10.26
C ILE A 117 12.41 22.32 -9.03
N PHE A 118 12.63 23.64 -8.88
CA PHE A 118 12.16 24.41 -7.77
C PHE A 118 10.75 24.81 -8.14
N VAL A 119 9.80 24.01 -7.63
CA VAL A 119 8.37 24.07 -7.87
C VAL A 119 7.75 25.49 -7.63
N MLY A 120 8.00 26.09 -6.47
CA MLY A 120 7.43 27.40 -6.16
CB MLY A 120 7.27 27.59 -4.61
CG MLY A 120 6.48 26.38 -3.99
CD MLY A 120 6.57 26.42 -2.45
CE MLY A 120 5.55 25.45 -1.82
NZ MLY A 120 5.61 25.50 -0.32
CH1 MLY A 120 5.63 24.11 0.15
C MLY A 120 8.29 28.55 -6.70
O MLY A 120 7.80 29.67 -6.79
N MLY A 121 9.56 28.31 -7.01
CA MLY A 121 10.47 29.37 -7.49
CB MLY A 121 11.93 29.22 -7.01
CG MLY A 121 12.04 29.02 -5.51
CD MLY A 121 11.44 30.25 -4.86
CE MLY A 121 11.73 30.25 -3.37
NZ MLY A 121 10.79 31.09 -2.65
CH1 MLY A 121 11.29 31.09 -1.23
CH2 MLY A 121 10.91 32.58 -3.07
C MLY A 121 10.51 29.48 -9.02
O MLY A 121 11.07 30.46 -9.53
N ARG A 122 9.89 28.53 -9.74
CA ARG A 122 9.80 28.51 -11.22
C ARG A 122 11.23 28.46 -11.81
N MSE A 123 12.13 27.71 -11.19
CA MSE A 123 13.55 27.60 -11.56
C MSE A 123 13.96 26.17 -11.69
O MSE A 123 13.43 25.31 -10.98
CB MSE A 123 14.42 28.21 -10.45
CG MSE A 123 14.23 29.70 -10.33
SE MSE A 123 15.84 30.52 -11.06
CE MSE A 123 15.57 32.12 -10.23
N VAL A 124 14.91 25.90 -12.59
CA VAL A 124 15.51 24.58 -12.81
C VAL A 124 17.02 24.69 -12.65
N MLY A 125 17.58 23.97 -11.70
CA MLY A 125 19.03 23.92 -11.53
CB MLY A 125 19.45 24.07 -10.09
CG MLY A 125 20.92 23.66 -9.95
CD MLY A 125 21.46 24.57 -8.86
CE MLY A 125 22.07 23.69 -7.78
NZ MLY A 125 21.82 24.16 -6.39
CH1 MLY A 125 22.86 23.45 -5.66
CH2 MLY A 125 22.08 25.61 -6.20
C MLY A 125 19.48 22.64 -12.24
O MLY A 125 18.94 21.56 -11.95
N MLY A 126 20.41 22.72 -13.17
CA MLY A 126 20.79 21.53 -13.92
CB MLY A 126 20.37 21.88 -15.32
CG MLY A 126 20.43 20.73 -16.30
CD MLY A 126 19.38 21.10 -17.35
CE MLY A 126 19.53 20.10 -18.48
NZ MLY A 126 18.32 20.06 -19.33
CH1 MLY A 126 18.28 21.18 -20.32
CH2 MLY A 126 18.31 18.70 -19.91
C MLY A 126 22.30 21.25 -13.87
O MLY A 126 23.10 22.12 -14.13
N TYR A 127 22.66 20.00 -13.54
CA TYR A 127 24.03 19.52 -13.45
C TYR A 127 24.36 18.71 -14.70
N TYR A 128 25.37 19.13 -15.50
CA TYR A 128 25.75 18.46 -16.75
C TYR A 128 26.90 17.48 -16.53
N PHE A 129 26.59 16.18 -16.65
CA PHE A 129 27.58 15.10 -16.51
C PHE A 129 27.96 14.53 -17.87
N GLU A 130 29.23 14.21 -18.05
CA GLU A 130 29.76 13.62 -19.27
C GLU A 130 30.72 12.52 -18.94
N ARG A 131 30.65 11.41 -19.69
CA ARG A 131 31.57 10.31 -19.51
C ARG A 131 32.78 10.55 -20.40
N ILE A 132 33.89 10.97 -19.78
CA ILE A 132 35.15 11.28 -20.45
C ILE A 132 36.09 10.07 -20.29
N MLY A 133 36.27 9.28 -21.37
CA MLY A 133 37.11 8.09 -21.37
CB MLY A 133 38.60 8.39 -21.16
CG MLY A 133 39.18 8.92 -22.48
CD MLY A 133 40.11 10.11 -22.20
CE MLY A 133 41.29 10.10 -23.22
NZ MLY A 133 42.21 11.27 -23.06
C MLY A 133 36.60 7.06 -20.34
O MLY A 133 37.37 6.54 -19.54
N GLY A 134 35.29 6.84 -20.34
CA GLY A 134 34.61 5.92 -19.43
C GLY A 134 34.42 6.44 -18.02
N ALA A 135 34.96 7.64 -17.72
CA ALA A 135 34.90 8.29 -16.40
C ALA A 135 33.93 9.49 -16.39
N TRP A 136 32.84 9.39 -15.57
CA TRP A 136 31.81 10.44 -15.45
C TRP A 136 32.35 11.67 -14.73
N MSE A 137 32.18 12.85 -15.36
CA MSE A 137 32.65 14.14 -14.85
C MSE A 137 31.54 15.19 -14.84
O MSE A 137 30.74 15.23 -15.79
CB MSE A 137 33.80 14.68 -15.74
CG MSE A 137 35.01 13.76 -15.88
SE MSE A 137 36.12 13.68 -14.30
CE MSE A 137 36.85 15.48 -14.30
N LEU A 138 31.51 16.07 -13.82
CA LEU A 138 30.59 17.20 -13.79
C LEU A 138 31.26 18.29 -14.64
N GLU A 139 30.60 18.68 -15.74
CA GLU A 139 31.13 19.63 -16.71
C GLU A 139 30.64 21.05 -16.52
N ALA A 140 29.37 21.23 -16.08
CA ALA A 140 28.75 22.55 -15.89
C ALA A 140 27.48 22.46 -15.05
N ILE A 141 27.08 23.59 -14.50
CA ILE A 141 25.83 23.73 -13.75
C ILE A 141 25.15 24.96 -14.33
N ASN A 142 23.86 24.89 -14.64
CA ASN A 142 23.19 26.12 -15.08
C ASN A 142 21.87 26.27 -14.34
N LEU A 143 21.33 27.48 -14.31
CA LEU A 143 20.03 27.81 -13.73
C LEU A 143 19.23 28.51 -14.76
N ARG A 144 18.04 27.99 -14.98
CA ARG A 144 17.13 28.51 -15.99
C ARG A 144 15.72 28.58 -15.44
N PRO A 145 14.90 29.51 -15.95
CA PRO A 145 13.50 29.54 -15.50
C PRO A 145 12.74 28.38 -16.10
N ILE A 146 11.65 27.93 -15.46
CA ILE A 146 10.84 26.86 -16.06
C ILE A 146 10.14 27.46 -17.30
N GLU A 147 10.03 26.67 -18.37
CA GLU A 147 9.33 27.17 -19.56
C GLU A 147 7.80 27.11 -19.36
N GLU A 148 7.12 28.14 -19.79
CA GLU A 148 5.68 28.20 -19.63
C GLU A 148 4.98 28.48 -20.97
N ASN A 149 3.69 28.15 -21.07
CA ASN A 149 2.87 28.36 -22.25
C ASN A 149 1.45 28.81 -21.82
N GLU A 150 0.49 28.79 -22.77
CA GLU A 150 -0.90 29.22 -22.58
C GLU A 150 -1.70 28.26 -21.65
N ASN A 151 -1.33 26.98 -21.62
CA ASN A 151 -1.97 25.94 -20.83
C ASN A 151 -1.42 25.90 -19.41
N GLU A 152 -2.14 25.24 -18.47
CA GLU A 152 -1.68 25.09 -17.09
C GLU A 152 -0.29 24.43 -17.05
N ASP A 153 0.65 25.03 -16.32
CA ASP A 153 2.02 24.52 -16.19
C ASP A 153 2.01 23.31 -15.26
N PHE A 154 2.68 22.17 -15.67
CA PHE A 154 2.70 20.96 -14.84
C PHE A 154 3.33 21.21 -13.45
N VAL A 155 4.49 21.91 -13.44
CA VAL A 155 5.30 22.18 -12.24
C VAL A 155 4.51 22.95 -11.21
N GLU A 156 3.82 24.01 -11.67
CA GLU A 156 3.05 24.86 -10.80
C GLU A 156 1.83 24.10 -10.33
N PHE A 157 1.18 23.32 -11.21
CA PHE A 157 0.04 22.49 -10.80
C PHE A 157 0.50 21.49 -9.71
N PHE A 158 1.67 20.85 -9.92
CA PHE A 158 2.18 19.82 -9.02
C PHE A 158 2.41 20.36 -7.61
N GLY A 159 2.96 21.57 -7.48
CA GLY A 159 3.16 22.21 -6.19
C GLY A 159 1.87 22.34 -5.39
N HIS A 160 0.78 22.72 -6.09
CA HIS A 160 -0.55 22.88 -5.48
CA HIS A 160 -0.54 22.89 -5.49
C HIS A 160 -1.15 21.51 -5.18
N PHE A 161 -1.00 20.53 -6.11
CA PHE A 161 -1.49 19.14 -5.97
C PHE A 161 -0.85 18.48 -4.74
N ALA A 162 0.49 18.65 -4.57
CA ALA A 162 1.27 18.06 -3.47
C ALA A 162 1.01 18.69 -2.08
N THR A 163 0.47 19.92 -2.01
CA THR A 163 0.31 20.63 -0.71
C THR A 163 -1.14 20.96 -0.31
N ASP A 164 -2.10 20.91 -1.24
CA ASP A 164 -3.49 21.23 -0.92
C ASP A 164 -4.37 20.01 -1.23
N SER A 165 -4.83 19.33 -0.16
CA SER A 165 -5.66 18.12 -0.20
C SER A 165 -7.01 18.32 -0.91
N ILE A 166 -7.61 19.51 -0.76
CA ILE A 166 -8.90 19.85 -1.39
C ILE A 166 -8.68 19.98 -2.92
N PHE A 167 -7.63 20.72 -3.32
CA PHE A 167 -7.28 20.88 -4.74
C PHE A 167 -6.94 19.50 -5.32
N GLN A 168 -6.13 18.72 -4.59
CA GLN A 168 -5.72 17.37 -4.98
C GLN A 168 -6.94 16.51 -5.26
N SER A 169 -7.95 16.53 -4.37
CA SER A 169 -9.19 15.75 -4.51
C SER A 169 -9.99 16.14 -5.76
N ARG A 170 -9.91 17.42 -6.18
CA ARG A 170 -10.61 17.90 -7.36
C ARG A 170 -9.83 17.59 -8.67
N ARG A 171 -8.56 17.16 -8.55
CA ARG A 171 -7.69 16.90 -9.71
C ARG A 171 -7.26 15.42 -9.83
N ILE A 172 -8.18 14.50 -9.47
CA ILE A 172 -7.99 13.05 -9.57
C ILE A 172 -9.16 12.49 -10.34
N ARG A 173 -8.89 11.71 -11.40
CA ARG A 173 -9.93 11.09 -12.20
C ARG A 173 -10.65 10.05 -11.34
N GLN A 174 -11.98 10.01 -11.42
CA GLN A 174 -12.72 9.08 -10.61
C GLN A 174 -13.49 8.10 -11.50
N PRO A 175 -13.21 6.78 -11.37
CA PRO A 175 -12.23 6.17 -10.45
C PRO A 175 -10.79 6.28 -10.98
N LEU A 176 -9.82 6.23 -10.07
CA LEU A 176 -8.40 6.30 -10.38
C LEU A 176 -7.89 4.89 -10.77
N VAL A 177 -7.28 4.75 -11.96
CA VAL A 177 -6.76 3.46 -12.38
C VAL A 177 -5.55 3.12 -11.50
N PHE A 178 -5.54 1.89 -10.95
CA PHE A 178 -4.49 1.43 -10.06
C PHE A 178 -3.94 0.13 -10.57
N VAL A 179 -2.64 0.12 -10.78
CA VAL A 179 -1.99 -1.10 -11.21
C VAL A 179 -1.10 -1.56 -10.07
N THR A 180 -1.26 -2.81 -9.67
CA THR A 180 -0.42 -3.30 -8.60
C THR A 180 -0.13 -4.81 -8.78
N THR A 181 0.40 -5.46 -7.73
CA THR A 181 0.68 -6.89 -7.68
C THR A 181 -0.52 -7.62 -7.15
N ASP A 182 -0.83 -8.79 -7.71
CA ASP A 182 -1.89 -9.64 -7.22
C ASP A 182 -1.45 -10.21 -5.83
N PRO A 183 -2.25 -10.01 -4.73
CA PRO A 183 -1.85 -10.52 -3.40
C PRO A 183 -1.75 -12.05 -3.32
N ASP A 184 -2.25 -12.75 -4.34
CA ASP A 184 -2.21 -14.21 -4.44
C ASP A 184 -0.97 -14.71 -5.20
N ASP A 185 -0.42 -13.88 -6.11
CA ASP A 185 0.73 -14.21 -6.97
C ASP A 185 1.49 -12.93 -7.34
N ASP A 186 2.75 -12.81 -6.90
CA ASP A 186 3.60 -11.63 -7.16
C ASP A 186 4.03 -11.51 -8.61
N PHE A 187 4.05 -12.63 -9.34
CA PHE A 187 4.45 -12.60 -10.75
C PHE A 187 3.26 -12.15 -11.63
N SER A 188 2.11 -11.84 -10.98
CA SER A 188 0.88 -11.47 -11.64
C SER A 188 0.46 -10.03 -11.36
N ILE A 189 0.14 -9.34 -12.45
CA ILE A 189 -0.34 -7.99 -12.46
C ILE A 189 -1.79 -7.94 -12.01
N LEU A 190 -2.16 -6.86 -11.32
CA LEU A 190 -3.53 -6.66 -10.90
C LEU A 190 -3.97 -5.26 -11.29
N GLU A 191 -4.94 -5.16 -12.19
CA GLU A 191 -5.46 -3.85 -12.53
C GLU A 191 -6.77 -3.64 -11.81
N THR A 192 -6.85 -2.56 -11.07
CA THR A 192 -8.04 -2.26 -10.27
C THR A 192 -8.28 -0.76 -10.31
N THR A 193 -9.17 -0.25 -9.46
CA THR A 193 -9.44 1.19 -9.35
C THR A 193 -9.41 1.59 -7.89
N LEU A 194 -9.14 2.89 -7.62
CA LEU A 194 -9.17 3.49 -6.28
C LEU A 194 -10.17 4.64 -6.26
N ASP A 195 -10.96 4.76 -5.18
CA ASP A 195 -11.84 5.90 -4.97
C ASP A 195 -11.00 6.96 -4.26
N LEU A 196 -11.56 8.16 -4.00
CA LEU A 196 -10.80 9.24 -3.38
CA LEU A 196 -10.85 9.27 -3.36
C LEU A 196 -10.29 8.89 -1.97
N ASN A 197 -11.09 8.20 -1.16
CA ASN A 197 -10.67 7.78 0.19
C ASN A 197 -9.53 6.75 0.12
N GLN A 198 -9.56 5.84 -0.88
CA GLN A 198 -8.53 4.84 -1.05
C GLN A 198 -7.24 5.51 -1.55
N TRP A 199 -7.34 6.54 -2.39
CA TRP A 199 -6.15 7.26 -2.87
C TRP A 199 -5.44 7.93 -1.66
N PHE A 200 -6.21 8.53 -0.74
CA PHE A 200 -5.59 9.18 0.42
C PHE A 200 -4.85 8.18 1.31
N ALA A 201 -5.30 6.92 1.37
CA ALA A 201 -4.68 5.87 2.16
C ALA A 201 -3.46 5.22 1.47
N PHE A 202 -3.44 5.17 0.13
CA PHE A 202 -2.40 4.50 -0.65
C PHE A 202 -1.37 5.44 -1.25
N MLY A 203 -1.70 6.74 -1.36
CA MLY A 203 -0.83 7.73 -2.00
CB MLY A 203 -1.36 9.20 -2.02
CG MLY A 203 -1.47 9.81 -0.64
CD MLY A 203 -2.12 11.21 -0.64
CE MLY A 203 -1.82 11.89 0.71
NZ MLY A 203 -2.89 12.80 1.23
CH1 MLY A 203 -3.31 13.87 0.31
CH2 MLY A 203 -2.42 13.60 2.39
C MLY A 203 0.57 7.80 -1.38
O MLY A 203 0.72 7.74 -0.17
N PRO A 204 1.60 7.94 -2.23
CA PRO A 204 2.95 8.10 -1.69
C PRO A 204 3.19 9.51 -1.16
N ALA A 205 4.30 9.73 -0.44
CA ALA A 205 4.73 11.08 -0.04
C ALA A 205 5.05 11.86 -1.33
N LEU A 206 4.61 13.12 -1.39
CA LEU A 206 4.81 13.95 -2.56
C LEU A 206 5.69 15.14 -2.19
N PRO A 207 6.73 15.44 -2.99
CA PRO A 207 7.60 16.58 -2.63
C PRO A 207 6.88 17.92 -2.87
N ALA A 208 6.95 18.79 -1.87
CA ALA A 208 6.26 20.09 -1.90
C ALA A 208 7.09 21.21 -2.56
N ASP A 209 8.43 21.21 -2.34
CA ASP A 209 9.30 22.30 -2.77
C ASP A 209 10.13 22.02 -4.02
N MLY A 210 10.67 20.82 -4.13
CA MLY A 210 11.54 20.45 -5.23
CB MLY A 210 13.03 20.31 -4.77
CG MLY A 210 13.88 21.53 -4.57
CD MLY A 210 15.36 21.09 -4.43
CE MLY A 210 15.67 20.76 -2.99
NZ MLY A 210 17.10 20.95 -2.62
CH1 MLY A 210 17.49 19.90 -1.67
CH2 MLY A 210 18.06 20.96 -3.75
C MLY A 210 11.31 19.08 -5.79
O MLY A 210 11.16 18.12 -5.04
N LEU A 211 11.40 18.99 -7.09
CA LEU A 211 11.39 17.72 -7.80
C LEU A 211 12.77 17.47 -8.37
N SER A 212 13.19 16.22 -8.40
CA SER A 212 14.42 15.92 -9.11
C SER A 212 14.06 15.35 -10.47
N ASN A 213 15.05 15.28 -11.34
CA ASN A 213 14.88 14.64 -12.63
C ASN A 213 16.25 14.28 -13.11
N ILE A 214 16.32 13.19 -13.85
CA ILE A 214 17.54 12.75 -14.47
C ILE A 214 17.24 12.67 -15.95
N ASN A 215 18.02 13.37 -16.79
CA ASN A 215 17.75 13.35 -18.21
C ASN A 215 18.53 12.24 -18.85
N TYR A 216 17.83 11.15 -19.18
CA TYR A 216 18.42 10.04 -19.89
C TYR A 216 18.16 10.18 -21.41
N GLY A 217 17.65 11.34 -21.82
CA GLY A 217 17.24 11.61 -23.20
C GLY A 217 15.73 11.55 -23.44
N GLN A 218 14.92 11.40 -22.38
CA GLN A 218 13.47 11.39 -22.52
C GLN A 218 12.92 12.77 -22.89
N GLN A 219 11.88 12.79 -23.71
CA GLN A 219 11.20 14.02 -24.12
C GLN A 219 10.68 14.75 -22.90
N ASN A 220 10.96 16.04 -22.88
CA ASN A 220 10.53 16.97 -21.85
C ASN A 220 10.01 18.20 -22.56
N ASP A 221 8.77 18.10 -23.06
CA ASP A 221 8.14 19.17 -23.84
C ASP A 221 7.07 19.83 -22.97
N ASP A 222 7.10 21.19 -22.83
CA ASP A 222 6.11 21.82 -21.95
C ASP A 222 4.73 21.88 -22.60
N ASN A 223 4.60 21.51 -23.88
CA ASN A 223 3.27 21.39 -24.49
C ASN A 223 2.70 19.95 -24.36
N ALA A 224 3.52 18.97 -23.91
CA ALA A 224 3.07 17.56 -23.74
C ALA A 224 1.77 17.50 -22.91
N SER A 225 0.77 16.73 -23.34
CA SER A 225 -0.50 16.62 -22.61
C SER A 225 -0.48 15.49 -21.55
N HIS A 226 0.62 14.73 -21.46
CA HIS A 226 0.85 13.76 -20.40
C HIS A 226 2.10 14.11 -19.67
N LYS A 227 2.12 13.78 -18.38
CA LYS A 227 3.28 13.90 -17.52
C LYS A 227 3.28 12.70 -16.62
N ILE A 228 4.39 11.99 -16.60
CA ILE A 228 4.55 10.75 -15.84
C ILE A 228 5.64 10.96 -14.79
N LEU A 229 5.28 10.86 -13.51
CA LEU A 229 6.18 11.06 -12.42
C LEU A 229 6.50 9.73 -11.76
N ALA A 230 7.76 9.31 -11.86
CA ALA A 230 8.24 8.08 -11.23
C ALA A 230 8.87 8.46 -9.88
N LEU A 231 8.47 7.76 -8.82
CA LEU A 231 9.00 7.96 -7.47
C LEU A 231 9.77 6.71 -7.15
N MLY A 232 11.09 6.81 -6.95
CA MLY A 232 11.95 5.65 -6.75
CB MLY A 232 12.98 5.57 -7.90
CG MLY A 232 12.14 5.54 -9.19
CD MLY A 232 12.95 5.09 -10.40
CE MLY A 232 13.35 3.63 -10.24
NZ MLY A 232 13.76 3.16 -11.59
CH1 MLY A 232 15.12 3.69 -11.86
CH2 MLY A 232 13.75 1.66 -11.60
C MLY A 232 12.71 5.71 -5.47
O MLY A 232 13.39 6.69 -5.19
N GLY A 233 12.63 4.64 -4.74
CA GLY A 233 13.30 4.51 -3.45
C GLY A 233 14.82 4.49 -3.55
N ILE A 234 15.48 5.08 -2.55
CA ILE A 234 16.93 5.10 -2.44
C ILE A 234 17.27 4.06 -1.40
N GLY A 235 18.00 3.03 -1.80
CA GLY A 235 18.40 1.93 -0.92
C GLY A 235 17.29 0.99 -0.50
N ASN A 236 16.22 0.92 -1.32
CA ASN A 236 15.06 0.04 -1.10
C ASN A 236 14.33 -0.14 -2.43
N GLY A 237 13.35 -1.07 -2.45
CA GLY A 237 12.58 -1.43 -3.63
C GLY A 237 11.39 -0.58 -3.99
N PHE A 238 11.13 0.51 -3.24
CA PHE A 238 9.98 1.40 -3.46
C PHE A 238 9.94 1.96 -4.90
N SER A 239 8.78 1.84 -5.53
CA SER A 239 8.56 2.33 -6.88
C SER A 239 7.09 2.63 -7.12
N ASN A 240 6.77 3.89 -7.33
CA ASN A 240 5.42 4.33 -7.68
C ASN A 240 5.49 5.15 -8.94
N ILE A 241 4.49 5.02 -9.81
CA ILE A 241 4.41 5.82 -11.02
C ILE A 241 3.06 6.53 -11.07
N LEU A 242 3.06 7.86 -11.24
CA LEU A 242 1.87 8.68 -11.31
C LEU A 242 1.74 9.26 -12.72
N TYR A 243 0.63 8.95 -13.39
CA TYR A 243 0.30 9.42 -14.74
C TYR A 243 -0.67 10.57 -14.66
N PHE A 244 -0.29 11.72 -15.19
CA PHE A 244 -1.13 12.91 -15.24
C PHE A 244 -1.47 13.23 -16.68
N GLN A 245 -2.69 13.71 -16.90
CA GLN A 245 -3.13 14.14 -18.22
C GLN A 245 -3.67 15.56 -18.11
N ARG A 246 -3.40 16.38 -19.12
CA ARG A 246 -3.86 17.76 -19.11
C ARG A 246 -5.19 17.84 -19.84
N MLY A 247 -6.26 18.13 -19.11
CA MLY A 247 -7.59 18.33 -19.67
CB MLY A 247 -8.62 17.79 -18.65
CG MLY A 247 -8.56 16.26 -18.63
CD MLY A 247 -9.19 15.73 -19.92
CE MLY A 247 -8.84 14.26 -20.15
NZ MLY A 247 -9.42 13.75 -21.41
CH1 MLY A 247 -9.33 12.26 -21.38
CH2 MLY A 247 -8.35 14.14 -22.36
C MLY A 247 -7.78 19.82 -19.92
O MLY A 247 -6.91 20.60 -19.53
N ASP A 248 -8.91 20.21 -20.52
CA ASP A 248 -9.20 21.64 -20.73
C ASP A 248 -9.26 22.34 -19.36
N SER A 249 -9.78 21.63 -18.35
CA SER A 249 -9.91 22.09 -16.96
C SER A 249 -8.55 22.09 -16.19
N GLY A 250 -7.50 21.54 -16.80
CA GLY A 250 -6.18 21.47 -16.18
C GLY A 250 -5.71 20.04 -15.99
N TRP A 251 -4.54 19.88 -15.34
CA TRP A 251 -3.92 18.57 -15.09
C TRP A 251 -4.70 17.73 -14.13
N GLU A 252 -4.69 16.43 -14.35
CA GLU A 252 -5.32 15.51 -13.42
C GLU A 252 -4.59 14.20 -13.38
N LEU A 253 -4.54 13.61 -12.19
CA LEU A 253 -3.97 12.29 -12.00
C LEU A 253 -5.01 11.28 -12.49
N TYR A 254 -4.61 10.34 -13.36
CA TYR A 254 -5.59 9.38 -13.88
C TYR A 254 -5.11 7.94 -13.73
N MLY A 255 -3.81 7.70 -13.52
CA MLY A 255 -3.32 6.33 -13.38
CB MLY A 255 -2.92 5.72 -14.71
CG MLY A 255 -2.41 4.26 -14.73
CD MLY A 255 -2.02 3.98 -16.22
CE MLY A 255 -1.35 2.64 -16.30
NZ MLY A 255 -1.13 2.29 -17.76
CH1 MLY A 255 0.15 2.85 -18.28
CH2 MLY A 255 -1.05 0.80 -17.83
C MLY A 255 -2.21 6.29 -12.36
O MLY A 255 -1.40 7.20 -12.31
N PHE A 256 -2.24 5.27 -11.50
CA PHE A 256 -1.31 5.09 -10.40
C PHE A 256 -0.79 3.66 -10.45
N GLU A 257 0.54 3.48 -10.54
CA GLU A 257 1.14 2.16 -10.55
CA GLU A 257 1.11 2.14 -10.54
C GLU A 257 2.05 1.97 -9.36
N ASP A 258 1.96 0.81 -8.72
CA ASP A 258 2.85 0.43 -7.62
C ASP A 258 3.69 -0.72 -8.14
N THR A 259 4.92 -0.42 -8.58
CA THR A 259 5.83 -1.43 -9.15
C THR A 259 6.92 -1.75 -8.14
N SER A 260 6.65 -1.52 -6.83
CA SER A 260 7.61 -1.78 -5.75
C SER A 260 8.00 -3.26 -5.74
N ILE A 261 9.26 -3.55 -5.35
CA ILE A 261 9.80 -4.91 -5.27
C ILE A 261 10.35 -5.18 -3.87
N PRO B 32 -30.21 -25.53 -7.04
CA PRO B 32 -29.42 -26.03 -5.91
C PRO B 32 -30.30 -26.57 -4.79
N MLY B 33 -30.20 -27.88 -4.52
CA MLY B 33 -31.00 -28.54 -3.49
CB MLY B 33 -31.01 -30.06 -3.71
C MLY B 33 -30.48 -28.22 -2.09
O MLY B 33 -29.31 -28.49 -1.80
N PRO B 34 -31.34 -27.65 -1.20
CA PRO B 34 -30.89 -27.33 0.17
C PRO B 34 -30.58 -28.58 1.00
N ILE B 35 -29.48 -28.53 1.76
CA ILE B 35 -29.00 -29.62 2.61
C ILE B 35 -29.13 -29.24 4.11
N GLU B 36 -28.79 -30.18 5.02
CA GLU B 36 -28.84 -30.01 6.48
C GLU B 36 -27.83 -28.94 6.96
N ALA B 37 -26.68 -28.82 6.25
CA ALA B 37 -25.62 -27.85 6.55
C ALA B 37 -26.08 -26.39 6.31
N ASP B 38 -27.06 -26.18 5.39
CA ASP B 38 -27.61 -24.88 5.02
C ASP B 38 -28.44 -24.22 6.15
N GLU B 39 -28.63 -24.92 7.29
CA GLU B 39 -29.34 -24.43 8.48
C GLU B 39 -28.67 -23.16 9.05
N SER B 40 -27.34 -23.07 8.88
CA SER B 40 -26.53 -21.92 9.31
C SER B 40 -25.38 -21.73 8.33
N PHE B 41 -24.88 -20.49 8.23
CA PHE B 41 -23.77 -20.13 7.35
C PHE B 41 -22.49 -20.84 7.78
N ASP B 42 -22.20 -20.84 9.09
CA ASP B 42 -20.98 -21.44 9.68
C ASP B 42 -20.87 -22.93 9.35
N ASP B 43 -21.99 -23.68 9.36
CA ASP B 43 -22.01 -25.11 9.03
CA ASP B 43 -22.00 -25.11 9.02
C ASP B 43 -21.79 -25.28 7.51
N PHE B 44 -22.49 -24.47 6.69
CA PHE B 44 -22.39 -24.50 5.23
C PHE B 44 -20.96 -24.20 4.75
N ILE B 45 -20.36 -23.10 5.25
CA ILE B 45 -19.06 -22.63 4.82
C ILE B 45 -17.96 -23.68 5.05
N TYR B 46 -18.01 -24.43 6.18
CA TYR B 46 -17.02 -25.48 6.41
C TYR B 46 -17.18 -26.60 5.37
N ASN B 47 -18.44 -26.94 5.05
CA ASN B 47 -18.79 -27.96 4.07
C ASN B 47 -18.42 -27.52 2.65
N PHE B 48 -18.68 -26.24 2.29
CA PHE B 48 -18.39 -25.66 0.97
C PHE B 48 -16.90 -25.71 0.66
N ALA B 49 -16.08 -25.45 1.68
CA ALA B 49 -14.63 -25.41 1.57
C ALA B 49 -13.99 -26.80 1.62
N SER B 50 -14.59 -27.77 2.35
CA SER B 50 -14.01 -29.12 2.51
C SER B 50 -14.54 -30.16 1.48
N ASP B 51 -15.71 -29.94 0.87
CA ASP B 51 -16.26 -30.87 -0.13
C ASP B 51 -16.24 -30.20 -1.53
N ASP B 52 -15.36 -30.70 -2.40
CA ASP B 52 -15.14 -30.22 -3.77
C ASP B 52 -16.42 -30.32 -4.63
N ALA B 53 -17.15 -31.46 -4.55
CA ALA B 53 -18.37 -31.69 -5.34
C ALA B 53 -19.47 -30.68 -4.96
N LEU B 54 -19.59 -30.39 -3.64
CA LEU B 54 -20.56 -29.43 -3.11
C LEU B 54 -20.26 -28.01 -3.59
N GLN B 55 -18.97 -27.62 -3.59
CA GLN B 55 -18.51 -26.30 -4.00
C GLN B 55 -18.86 -26.01 -5.48
N ARG B 56 -18.56 -26.98 -6.37
CA ARG B 56 -18.75 -26.92 -7.83
C ARG B 56 -20.21 -26.60 -8.23
N GLN B 57 -21.19 -27.03 -7.41
CA GLN B 57 -22.61 -26.81 -7.66
C GLN B 57 -23.15 -25.53 -6.96
N ARG B 58 -22.41 -24.99 -5.96
CA ARG B 58 -22.83 -23.82 -5.19
C ARG B 58 -22.18 -22.51 -5.68
N VAL B 59 -21.42 -22.54 -6.78
CA VAL B 59 -20.85 -21.31 -7.32
C VAL B 59 -21.68 -20.92 -8.56
N VAL B 60 -22.23 -19.69 -8.60
CA VAL B 60 -22.99 -19.17 -9.74
C VAL B 60 -22.00 -18.94 -10.91
N PHE B 61 -22.31 -19.47 -12.11
CA PHE B 61 -21.44 -19.34 -13.26
C PHE B 61 -22.18 -18.78 -14.49
N PRO B 62 -21.60 -17.82 -15.26
CA PRO B 62 -20.30 -17.14 -15.05
C PRO B 62 -20.32 -16.33 -13.77
N LEU B 63 -19.26 -16.46 -12.95
CA LEU B 63 -19.15 -15.80 -11.65
C LEU B 63 -18.64 -14.37 -11.77
N PRO B 64 -19.49 -13.37 -11.44
CA PRO B 64 -19.03 -11.95 -11.48
C PRO B 64 -17.77 -11.74 -10.61
N TYR B 65 -16.67 -11.32 -11.25
CA TYR B 65 -15.38 -11.10 -10.57
CA TYR B 65 -15.39 -11.10 -10.59
C TYR B 65 -14.98 -9.66 -10.73
N TYR B 66 -14.78 -8.97 -9.63
CA TYR B 66 -14.42 -7.57 -9.70
C TYR B 66 -13.03 -7.27 -9.18
N ASN B 67 -12.42 -6.23 -9.76
CA ASN B 67 -11.15 -5.68 -9.33
C ASN B 67 -11.44 -4.20 -9.01
N GLY B 68 -12.17 -3.98 -7.92
CA GLY B 68 -12.63 -2.67 -7.51
C GLY B 68 -13.83 -2.32 -8.37
N GLU B 69 -13.71 -1.30 -9.24
CA GLU B 69 -14.80 -0.92 -10.15
C GLU B 69 -14.63 -1.60 -11.53
N ARG B 70 -13.53 -2.36 -11.73
CA ARG B 70 -13.26 -3.12 -12.96
C ARG B 70 -14.05 -4.45 -12.89
N ALA B 71 -14.91 -4.72 -13.90
CA ALA B 71 -15.75 -5.94 -13.90
C ALA B 71 -15.25 -7.00 -14.88
N SER B 72 -15.25 -8.26 -14.43
CA SER B 72 -14.82 -9.46 -15.17
C SER B 72 -15.72 -10.65 -14.85
N MLY B 73 -15.41 -11.83 -15.39
CA MLY B 73 -16.16 -13.04 -15.10
CB MLY B 73 -17.24 -13.29 -16.15
CG MLY B 73 -18.58 -12.75 -15.66
CD MLY B 73 -18.96 -11.55 -16.56
CE MLY B 73 -20.49 -11.35 -16.67
NZ MLY B 73 -21.23 -11.15 -15.39
CH1 MLY B 73 -21.72 -12.44 -14.85
CH2 MLY B 73 -20.51 -10.35 -14.37
C MLY B 73 -15.27 -14.28 -15.04
O MLY B 73 -14.19 -14.28 -15.64
N ILE B 74 -15.71 -15.32 -14.32
CA ILE B 74 -14.97 -16.59 -14.23
C ILE B 74 -15.93 -17.75 -14.56
N ASP B 75 -15.65 -18.44 -15.67
CA ASP B 75 -16.40 -19.60 -16.18
C ASP B 75 -16.01 -20.90 -15.41
N ARG B 76 -16.87 -21.95 -15.49
CA ARG B 76 -16.71 -23.25 -14.82
C ARG B 76 -15.31 -23.89 -15.05
N MLY B 77 -14.83 -23.89 -16.31
CA MLY B 77 -13.53 -24.48 -16.69
CB MLY B 77 -13.24 -24.31 -18.21
C MLY B 77 -12.33 -23.91 -15.94
O MLY B 77 -11.36 -24.64 -15.71
N TYR B 78 -12.36 -22.62 -15.55
CA TYR B 78 -11.22 -22.02 -14.84
C TYR B 78 -11.43 -21.92 -13.33
N TRP B 79 -12.43 -22.64 -12.76
CA TRP B 79 -12.65 -22.61 -11.31
C TRP B 79 -11.71 -23.59 -10.60
N MLY B 80 -10.94 -23.08 -9.64
CA MLY B 80 -10.04 -23.91 -8.84
CB MLY B 80 -8.61 -23.33 -8.81
C MLY B 80 -10.63 -24.01 -7.43
O MLY B 80 -11.04 -22.99 -6.87
N HIS B 81 -10.70 -25.26 -6.88
CA HIS B 81 -11.24 -25.48 -5.54
C HIS B 81 -10.62 -24.52 -4.54
N ASP B 82 -11.49 -23.79 -3.82
CA ASP B 82 -11.10 -22.83 -2.80
C ASP B 82 -11.38 -23.42 -1.43
N ASP B 83 -10.31 -23.68 -0.66
CA ASP B 83 -10.40 -24.23 0.69
C ASP B 83 -10.80 -23.18 1.72
N LEU B 84 -10.77 -21.88 1.35
CA LEU B 84 -11.03 -20.77 2.27
C LEU B 84 -10.14 -20.96 3.51
N PHE B 85 -10.71 -20.93 4.72
CA PHE B 85 -9.93 -21.07 5.95
C PHE B 85 -10.10 -22.46 6.58
N ALA B 86 -10.82 -23.40 5.93
CA ALA B 86 -11.13 -24.74 6.42
C ALA B 86 -9.92 -25.62 6.81
N MLY B 87 -8.75 -25.42 6.17
CA MLY B 87 -7.57 -26.23 6.48
CB MLY B 87 -6.68 -26.46 5.25
CG MLY B 87 -7.46 -27.29 4.19
CD MLY B 87 -6.61 -28.44 3.62
CE MLY B 87 -7.10 -28.79 2.21
NZ MLY B 87 -6.03 -29.41 1.38
CH1 MLY B 87 -6.67 -29.89 0.14
CH2 MLY B 87 -5.09 -28.35 0.96
C MLY B 87 -6.71 -25.61 7.62
O MLY B 87 -5.74 -26.24 8.05
N GLN B 88 -7.08 -24.42 8.12
CA GLN B 88 -6.36 -23.73 9.21
C GLN B 88 -6.75 -24.28 10.57
N SER B 89 -5.93 -24.03 11.59
CA SER B 89 -6.26 -24.47 12.96
C SER B 89 -7.29 -23.49 13.60
N TYR B 90 -7.31 -22.23 13.11
CA TYR B 90 -8.20 -21.17 13.59
C TYR B 90 -8.47 -20.14 12.49
N TYR B 91 -9.51 -19.30 12.67
CA TYR B 91 -9.81 -18.19 11.75
C TYR B 91 -10.10 -16.95 12.60
N THR B 92 -10.20 -15.80 11.95
CA THR B 92 -10.42 -14.54 12.66
C THR B 92 -11.71 -13.86 12.23
N LEU B 93 -12.24 -13.04 13.14
CA LEU B 93 -13.41 -12.18 12.97
C LEU B 93 -13.09 -10.84 13.60
N LEU B 94 -13.66 -9.74 13.05
CA LEU B 94 -13.41 -8.39 13.56
CA LEU B 94 -13.41 -8.39 13.56
C LEU B 94 -14.72 -7.70 13.91
N PHE B 95 -14.73 -7.02 15.08
CA PHE B 95 -15.87 -6.26 15.62
C PHE B 95 -15.39 -4.93 16.16
N ASP B 96 -16.30 -3.97 16.39
CA ASP B 96 -16.04 -2.67 17.02
C ASP B 96 -16.51 -2.64 18.46
N ARG B 97 -17.53 -3.48 18.75
CA ARG B 97 -18.27 -3.55 20.03
C ARG B 97 -18.54 -4.98 20.38
N GLU B 98 -18.41 -5.32 21.66
CA GLU B 98 -18.54 -6.66 22.17
C GLU B 98 -19.91 -7.26 21.88
N GLU B 99 -20.98 -6.46 22.05
CA GLU B 99 -22.37 -6.95 21.89
C GLU B 99 -22.62 -7.40 20.42
N ASP B 100 -21.83 -6.87 19.44
CA ASP B 100 -21.97 -7.24 18.02
C ASP B 100 -21.54 -8.69 17.77
N MSE B 101 -20.83 -9.31 18.71
CA MSE B 101 -20.47 -10.73 18.60
C MSE B 101 -21.72 -11.61 18.71
O MSE B 101 -21.67 -12.73 18.25
CB MSE B 101 -19.41 -11.12 19.64
CG MSE B 101 -18.12 -10.31 19.42
SE MSE B 101 -16.58 -11.11 20.27
CE MSE B 101 -17.06 -10.57 22.02
N ASP B 102 -22.85 -11.05 19.17
CA ASP B 102 -24.15 -11.76 19.19
C ASP B 102 -24.61 -12.06 17.76
N LEU B 103 -24.13 -11.28 16.78
CA LEU B 103 -24.54 -11.43 15.39
C LEU B 103 -24.03 -12.74 14.75
N VAL B 104 -22.98 -13.35 15.30
CA VAL B 104 -22.42 -14.61 14.81
C VAL B 104 -23.52 -15.72 14.80
N GLY B 105 -24.36 -15.75 15.82
CA GLY B 105 -25.47 -16.70 15.91
C GLY B 105 -26.79 -16.28 15.26
N ASP B 106 -26.79 -15.26 14.38
CA ASP B 106 -28.03 -14.81 13.71
C ASP B 106 -28.38 -15.74 12.53
N THR B 107 -29.44 -16.57 12.73
CA THR B 107 -29.91 -17.56 11.75
C THR B 107 -30.85 -16.96 10.71
N SER B 108 -31.25 -15.70 10.89
CA SER B 108 -32.12 -15.00 9.93
C SER B 108 -31.32 -14.47 8.70
N LEU B 109 -29.98 -14.53 8.74
CA LEU B 109 -29.12 -14.00 7.66
C LEU B 109 -29.29 -14.75 6.34
N THR B 110 -29.49 -14.00 5.23
CA THR B 110 -29.68 -14.58 3.90
C THR B 110 -28.57 -14.11 2.94
N SER B 111 -27.66 -13.25 3.42
CA SER B 111 -26.50 -12.79 2.68
C SER B 111 -25.37 -12.55 3.67
N VAL B 112 -24.24 -13.26 3.47
CA VAL B 112 -23.05 -13.20 4.31
C VAL B 112 -21.83 -13.09 3.38
N GLN B 113 -20.81 -12.35 3.81
CA GLN B 113 -19.57 -12.25 3.02
C GLN B 113 -18.42 -12.73 3.82
N VAL B 114 -17.49 -13.44 3.15
CA VAL B 114 -16.25 -13.93 3.73
C VAL B 114 -15.16 -13.10 3.11
N GLU B 115 -14.15 -12.72 3.86
CA GLU B 115 -13.10 -12.01 3.19
C GLU B 115 -11.73 -12.35 3.74
N TRP B 116 -10.74 -12.15 2.88
CA TRP B 116 -9.33 -12.26 3.18
C TRP B 116 -8.77 -10.86 3.23
N ILE B 117 -8.08 -10.51 4.30
CA ILE B 117 -7.41 -9.22 4.40
C ILE B 117 -5.93 -9.50 4.33
N PHE B 118 -5.30 -9.10 3.23
CA PHE B 118 -3.86 -9.25 3.01
C PHE B 118 -3.23 -8.05 3.69
N VAL B 119 -2.79 -8.28 4.93
CA VAL B 119 -2.29 -7.32 5.92
C VAL B 119 -1.18 -6.41 5.41
N MLY B 120 -0.15 -6.95 4.79
CA MLY B 120 0.97 -6.10 4.34
CB MLY B 120 2.32 -6.87 4.25
CG MLY B 120 2.54 -7.75 5.52
CD MLY B 120 3.60 -8.87 5.29
CE MLY B 120 4.21 -9.28 6.66
NZ MLY B 120 5.29 -10.31 6.57
CH1 MLY B 120 6.65 -9.73 6.82
CH2 MLY B 120 5.06 -11.19 7.74
C MLY B 120 0.66 -5.41 3.00
O MLY B 120 1.19 -4.31 2.76
N MLY B 121 -0.21 -6.00 2.17
CA MLY B 121 -0.48 -5.39 0.86
CB MLY B 121 -0.66 -6.49 -0.20
C MLY B 121 -1.72 -4.48 0.85
O MLY B 121 -1.95 -3.82 -0.16
N ARG B 122 -2.51 -4.44 1.93
CA ARG B 122 -3.74 -3.64 2.05
C ARG B 122 -4.74 -3.98 0.91
N MSE B 123 -4.83 -5.27 0.63
CA MSE B 123 -5.68 -5.90 -0.36
C MSE B 123 -6.70 -6.77 0.33
O MSE B 123 -6.45 -7.28 1.42
CB MSE B 123 -4.82 -6.72 -1.31
CG MSE B 123 -3.75 -5.93 -2.06
SE MSE B 123 -4.45 -4.59 -3.30
CE MSE B 123 -5.65 -5.76 -4.24
N VAL B 124 -7.84 -6.96 -0.33
CA VAL B 124 -8.98 -7.71 0.15
C VAL B 124 -9.49 -8.63 -0.97
N MLY B 125 -9.93 -9.84 -0.61
CA MLY B 125 -10.60 -10.80 -1.48
CB MLY B 125 -9.72 -12.03 -1.71
CG MLY B 125 -10.39 -12.92 -2.74
CD MLY B 125 -9.62 -14.24 -2.78
CE MLY B 125 -9.66 -14.83 -4.16
NZ MLY B 125 -8.86 -16.08 -4.24
CH1 MLY B 125 -9.74 -17.14 -4.82
CH2 MLY B 125 -7.88 -15.90 -5.37
C MLY B 125 -11.94 -11.08 -0.79
O MLY B 125 -11.96 -11.79 0.23
N MLY B 126 -13.05 -10.44 -1.24
CA MLY B 126 -14.36 -10.62 -0.59
CB MLY B 126 -15.02 -9.24 -0.53
CG MLY B 126 -16.28 -9.19 0.30
CD MLY B 126 -16.34 -7.74 0.77
CE MLY B 126 -17.68 -7.54 1.44
NZ MLY B 126 -18.17 -6.15 1.70
CH1 MLY B 126 -18.94 -6.54 2.92
CH2 MLY B 126 -17.19 -5.13 2.21
C MLY B 126 -15.25 -11.58 -1.37
O MLY B 126 -15.45 -11.38 -2.57
N TYR B 127 -15.77 -12.61 -0.69
CA TYR B 127 -16.65 -13.63 -1.28
C TYR B 127 -18.09 -13.33 -0.88
N TYR B 128 -18.99 -13.09 -1.86
CA TYR B 128 -20.39 -12.77 -1.58
C TYR B 128 -21.28 -14.02 -1.66
N PHE B 129 -21.80 -14.43 -0.49
CA PHE B 129 -22.69 -15.59 -0.37
C PHE B 129 -24.13 -15.14 -0.16
N GLU B 130 -25.06 -15.85 -0.76
CA GLU B 130 -26.50 -15.57 -0.65
C GLU B 130 -27.26 -16.85 -0.50
N ARG B 131 -28.27 -16.86 0.38
CA ARG B 131 -29.12 -18.03 0.57
C ARG B 131 -30.29 -17.92 -0.40
N ILE B 132 -30.23 -18.70 -1.48
CA ILE B 132 -31.23 -18.72 -2.55
C ILE B 132 -32.13 -19.94 -2.33
N MLY B 133 -33.37 -19.70 -1.85
CA MLY B 133 -34.37 -20.73 -1.56
CB MLY B 133 -34.84 -21.45 -2.86
C MLY B 133 -33.80 -21.75 -0.55
O MLY B 133 -33.92 -22.96 -0.76
N GLY B 134 -33.22 -21.23 0.53
CA GLY B 134 -32.63 -22.03 1.61
C GLY B 134 -31.29 -22.67 1.28
N ALA B 135 -30.77 -22.42 0.06
CA ALA B 135 -29.48 -22.96 -0.42
C ALA B 135 -28.42 -21.84 -0.62
N TRP B 136 -27.35 -21.86 0.21
CA TRP B 136 -26.26 -20.87 0.14
C TRP B 136 -25.46 -21.02 -1.17
N MSE B 137 -25.28 -19.89 -1.89
CA MSE B 137 -24.59 -19.82 -3.18
C MSE B 137 -23.53 -18.73 -3.18
O MSE B 137 -23.76 -17.65 -2.65
CB MSE B 137 -25.59 -19.52 -4.33
CG MSE B 137 -26.72 -20.52 -4.47
SE MSE B 137 -26.15 -22.19 -5.32
CE MSE B 137 -25.78 -21.58 -7.09
N LEU B 138 -22.39 -18.96 -3.87
CA LEU B 138 -21.37 -17.94 -4.08
C LEU B 138 -21.84 -17.13 -5.30
N GLU B 139 -22.10 -15.84 -5.08
CA GLU B 139 -22.66 -14.95 -6.09
C GLU B 139 -21.61 -14.10 -6.81
N ALA B 140 -20.52 -13.70 -6.11
CA ALA B 140 -19.46 -12.85 -6.65
C ALA B 140 -18.23 -12.83 -5.76
N ILE B 141 -17.07 -12.39 -6.35
CA ILE B 141 -15.78 -12.17 -5.69
C ILE B 141 -15.23 -10.79 -6.08
N ASN B 142 -14.69 -10.05 -5.11
CA ASN B 142 -14.02 -8.80 -5.42
C ASN B 142 -12.61 -8.84 -4.84
N LEU B 143 -11.59 -8.82 -5.73
CA LEU B 143 -10.18 -8.77 -5.37
C LEU B 143 -9.74 -7.35 -5.62
N ARG B 144 -9.52 -6.58 -4.57
CA ARG B 144 -9.24 -5.15 -4.73
C ARG B 144 -8.51 -4.56 -3.54
N PRO B 145 -8.06 -3.27 -3.63
CA PRO B 145 -7.47 -2.63 -2.44
C PRO B 145 -8.51 -2.53 -1.36
N ILE B 146 -8.05 -2.50 -0.12
CA ILE B 146 -8.91 -2.33 1.05
C ILE B 146 -9.71 -0.99 0.90
N GLU B 147 -11.00 -1.02 1.26
CA GLU B 147 -11.96 0.09 1.20
C GLU B 147 -12.19 0.70 2.57
N GLU B 148 -13.13 1.64 2.61
CA GLU B 148 -13.60 2.29 3.83
CA GLU B 148 -13.53 2.26 3.87
C GLU B 148 -14.44 1.28 4.63
N ASN B 149 -14.40 1.36 5.98
CA ASN B 149 -15.14 0.49 6.90
C ASN B 149 -14.74 -0.99 6.73
N GLU B 150 -13.42 -1.20 6.62
CA GLU B 150 -12.82 -2.51 6.46
C GLU B 150 -11.61 -2.67 7.36
N ASN B 151 -11.60 -1.90 8.48
CA ASN B 151 -10.62 -1.93 9.58
C ASN B 151 -9.17 -1.67 9.09
N GLU B 152 -9.03 -0.89 8.01
CA GLU B 152 -7.74 -0.62 7.38
C GLU B 152 -6.68 -0.15 8.39
N ASP B 153 -6.96 0.89 9.21
CA ASP B 153 -5.98 1.46 10.16
C ASP B 153 -5.52 0.39 11.16
N PHE B 154 -6.47 -0.25 11.78
CA PHE B 154 -6.17 -1.33 12.71
C PHE B 154 -5.34 -2.46 12.01
N VAL B 155 -5.73 -2.87 10.80
CA VAL B 155 -5.06 -3.96 10.03
C VAL B 155 -3.55 -3.66 9.82
N GLU B 156 -3.17 -2.40 9.47
CA GLU B 156 -1.78 -2.00 9.28
CA GLU B 156 -1.76 -2.01 9.28
C GLU B 156 -1.01 -2.15 10.61
N PHE B 157 -1.65 -1.68 11.71
CA PHE B 157 -1.05 -1.78 13.05
C PHE B 157 -0.89 -3.27 13.40
N PHE B 158 -1.93 -4.08 13.11
CA PHE B 158 -1.96 -5.50 13.46
C PHE B 158 -0.82 -6.28 12.81
N GLY B 159 -0.50 -6.00 11.54
CA GLY B 159 0.63 -6.63 10.85
C GLY B 159 1.94 -6.42 11.58
N HIS B 160 2.16 -5.19 12.09
CA HIS B 160 3.37 -4.85 12.84
CA HIS B 160 3.36 -4.82 12.84
C HIS B 160 3.33 -5.49 14.23
N PHE B 161 2.14 -5.46 14.90
CA PHE B 161 1.93 -6.05 16.23
C PHE B 161 2.22 -7.57 16.20
N ALA B 162 1.72 -8.26 15.16
CA ALA B 162 1.85 -9.72 15.01
C ALA B 162 3.27 -10.19 14.64
N THR B 163 4.13 -9.31 14.06
CA THR B 163 5.46 -9.70 13.56
C THR B 163 6.67 -9.08 14.27
N ASP B 164 6.48 -7.99 15.02
CA ASP B 164 7.58 -7.33 15.72
C ASP B 164 7.29 -7.39 17.23
N SER B 165 8.02 -8.26 17.95
CA SER B 165 7.89 -8.51 19.39
C SER B 165 8.18 -7.25 20.23
N ILE B 166 9.13 -6.40 19.77
CA ILE B 166 9.51 -5.17 20.48
C ILE B 166 8.35 -4.15 20.36
N PHE B 167 7.81 -3.98 19.13
CA PHE B 167 6.66 -3.11 18.88
C PHE B 167 5.45 -3.62 19.68
N GLN B 168 5.21 -4.95 19.63
CA GLN B 168 4.14 -5.61 20.35
C GLN B 168 4.21 -5.30 21.84
N SER B 169 5.40 -5.43 22.45
CA SER B 169 5.62 -5.16 23.88
C SER B 169 5.33 -3.69 24.26
N ARG B 170 5.52 -2.75 23.30
CA ARG B 170 5.26 -1.32 23.53
C ARG B 170 3.77 -0.97 23.29
N ARG B 171 2.98 -1.90 22.72
CA ARG B 171 1.56 -1.67 22.39
C ARG B 171 0.60 -2.59 23.17
N ILE B 172 0.96 -2.88 24.43
CA ILE B 172 0.16 -3.68 25.36
C ILE B 172 0.00 -2.86 26.62
N ARG B 173 -1.26 -2.65 27.08
CA ARG B 173 -1.53 -1.91 28.30
C ARG B 173 -0.94 -2.70 29.48
N GLN B 174 -0.27 -2.01 30.40
CA GLN B 174 0.32 -2.69 31.53
C GLN B 174 -0.31 -2.21 32.83
N PRO B 175 -0.96 -3.12 33.58
CA PRO B 175 -1.09 -4.56 33.31
C PRO B 175 -2.20 -4.87 32.30
N LEU B 176 -2.09 -6.01 31.62
CA LEU B 176 -3.06 -6.46 30.63
C LEU B 176 -4.20 -7.20 31.32
N VAL B 177 -5.46 -6.81 31.08
CA VAL B 177 -6.60 -7.49 31.68
C VAL B 177 -6.74 -8.88 31.04
N PHE B 178 -6.82 -9.91 31.88
CA PHE B 178 -6.96 -11.28 31.43
C PHE B 178 -8.19 -11.88 32.06
N VAL B 179 -9.11 -12.32 31.20
CA VAL B 179 -10.42 -12.82 31.59
C VAL B 179 -10.70 -14.15 30.91
N THR B 180 -11.31 -15.07 31.65
CA THR B 180 -11.78 -16.34 31.13
C THR B 180 -13.18 -16.47 31.65
N THR B 181 -13.95 -17.29 30.99
CA THR B 181 -15.28 -17.63 31.47
C THR B 181 -15.08 -18.52 32.70
N ASP B 182 -15.99 -18.42 33.65
CA ASP B 182 -15.93 -19.18 34.86
C ASP B 182 -16.62 -20.54 34.61
N PRO B 183 -15.90 -21.69 34.66
CA PRO B 183 -16.53 -22.97 34.30
C PRO B 183 -17.61 -23.44 35.26
N ASP B 184 -17.71 -22.78 36.43
CA ASP B 184 -18.67 -23.12 37.47
C ASP B 184 -19.93 -22.23 37.38
N ASP B 185 -19.83 -21.03 36.77
CA ASP B 185 -20.92 -20.06 36.70
C ASP B 185 -20.80 -19.17 35.45
N ASP B 186 -21.86 -19.16 34.61
CA ASP B 186 -21.90 -18.35 33.36
C ASP B 186 -22.04 -16.85 33.61
N PHE B 187 -22.57 -16.46 34.75
CA PHE B 187 -22.73 -15.04 35.06
C PHE B 187 -21.46 -14.45 35.65
N SER B 188 -20.43 -15.27 35.91
CA SER B 188 -19.20 -14.71 36.41
C SER B 188 -18.06 -14.99 35.42
N ILE B 189 -16.95 -14.33 35.68
CA ILE B 189 -15.72 -14.45 34.92
C ILE B 189 -14.59 -14.64 35.92
N LEU B 190 -13.47 -15.19 35.45
CA LEU B 190 -12.27 -15.30 36.26
C LEU B 190 -11.40 -14.19 35.74
N GLU B 191 -11.04 -13.26 36.59
CA GLU B 191 -10.34 -12.10 36.09
C GLU B 191 -9.05 -11.89 36.81
N THR B 192 -8.00 -11.68 36.04
CA THR B 192 -6.68 -11.41 36.57
C THR B 192 -5.99 -10.40 35.64
N THR B 193 -4.71 -10.16 35.85
CA THR B 193 -3.91 -9.30 35.00
C THR B 193 -2.65 -10.07 34.62
N LEU B 194 -2.09 -9.76 33.45
CA LEU B 194 -0.85 -10.34 32.97
C LEU B 194 0.19 -9.26 32.78
N ASP B 195 1.47 -9.57 33.13
CA ASP B 195 2.59 -8.68 32.82
C ASP B 195 3.08 -9.08 31.42
N LEU B 196 4.09 -8.40 30.87
CA LEU B 196 4.57 -8.68 29.50
CA LEU B 196 4.61 -8.65 29.52
C LEU B 196 5.12 -10.10 29.36
N ASN B 197 5.86 -10.62 30.36
CA ASN B 197 6.38 -11.99 30.30
C ASN B 197 5.24 -13.02 30.31
N GLN B 198 4.19 -12.76 31.08
CA GLN B 198 3.02 -13.65 31.16
C GLN B 198 2.22 -13.61 29.84
N TRP B 199 2.13 -12.42 29.19
CA TRP B 199 1.45 -12.31 27.90
C TRP B 199 2.19 -13.15 26.84
N PHE B 200 3.53 -13.10 26.84
CA PHE B 200 4.30 -13.86 25.86
C PHE B 200 4.08 -15.39 26.03
N ALA B 201 3.83 -15.84 27.26
CA ALA B 201 3.59 -17.26 27.58
C ALA B 201 2.15 -17.72 27.31
N PHE B 202 1.16 -16.81 27.41
CA PHE B 202 -0.26 -17.15 27.26
C PHE B 202 -0.85 -16.81 25.89
N MLY B 203 -0.19 -15.92 25.16
CA MLY B 203 -0.72 -15.37 23.91
CB MLY B 203 0.15 -14.25 23.31
CG MLY B 203 1.53 -14.74 22.94
CD MLY B 203 2.24 -13.58 22.23
CE MLY B 203 3.62 -14.07 21.71
NZ MLY B 203 3.56 -14.66 20.31
CH1 MLY B 203 4.16 -16.04 20.29
CH2 MLY B 203 2.28 -14.61 19.48
C MLY B 203 -0.99 -16.44 22.84
O MLY B 203 -0.23 -17.40 22.72
N PRO B 204 -2.10 -16.30 22.11
CA PRO B 204 -2.39 -17.25 21.02
C PRO B 204 -1.49 -16.95 19.82
N ALA B 205 -1.44 -17.85 18.83
CA ALA B 205 -0.74 -17.61 17.57
C ALA B 205 -1.44 -16.43 16.87
N LEU B 206 -0.66 -15.52 16.28
CA LEU B 206 -1.20 -14.34 15.60
C LEU B 206 -0.86 -14.39 14.12
N PRO B 207 -1.85 -14.19 13.23
CA PRO B 207 -1.54 -14.26 11.79
C PRO B 207 -0.74 -13.06 11.33
N ALA B 208 0.36 -13.31 10.62
CA ALA B 208 1.29 -12.29 10.15
C ALA B 208 0.91 -11.70 8.80
N ASP B 209 0.42 -12.54 7.88
CA ASP B 209 0.17 -12.17 6.50
C ASP B 209 -1.28 -11.89 6.14
N MLY B 210 -2.21 -12.68 6.65
CA MLY B 210 -3.60 -12.54 6.27
CB MLY B 210 -3.65 -13.75 5.29
CG MLY B 210 -4.57 -13.62 4.10
CD MLY B 210 -4.03 -14.61 3.09
CE MLY B 210 -4.77 -15.92 3.26
NZ MLY B 210 -4.50 -16.86 2.15
CH1 MLY B 210 -4.45 -18.18 2.79
CH2 MLY B 210 -5.69 -16.83 1.29
C MLY B 210 -4.58 -12.80 7.38
O MLY B 210 -4.39 -13.75 8.15
N LEU B 211 -5.60 -11.96 7.46
CA LEU B 211 -6.70 -12.06 8.39
C LEU B 211 -7.93 -12.46 7.63
N SER B 212 -8.85 -13.15 8.28
CA SER B 212 -10.14 -13.39 7.67
C SER B 212 -11.14 -12.48 8.41
N ASN B 213 -12.31 -12.33 7.82
CA ASN B 213 -13.45 -11.70 8.46
C ASN B 213 -14.69 -12.24 7.79
N ILE B 214 -15.74 -12.35 8.57
CA ILE B 214 -17.04 -12.81 8.09
C ILE B 214 -18.01 -11.70 8.46
N ASN B 215 -18.74 -11.21 7.47
CA ASN B 215 -19.70 -10.15 7.74
C ASN B 215 -21.05 -10.72 8.10
N TYR B 216 -21.35 -10.67 9.42
CA TYR B 216 -22.65 -11.09 9.94
C TYR B 216 -23.55 -9.86 10.15
N GLY B 217 -23.09 -8.70 9.69
CA GLY B 217 -23.77 -7.44 9.88
C GLY B 217 -23.16 -6.54 10.96
N GLN B 218 -22.02 -6.93 11.57
CA GLN B 218 -21.42 -6.14 12.67
C GLN B 218 -20.83 -4.84 12.15
N GLN B 219 -20.93 -3.76 12.94
CA GLN B 219 -20.34 -2.45 12.58
CA GLN B 219 -20.35 -2.48 12.54
C GLN B 219 -18.81 -2.62 12.47
N ASN B 220 -18.17 -2.04 11.45
CA ASN B 220 -16.69 -2.09 11.30
C ASN B 220 -16.28 -0.69 10.79
N ASP B 221 -16.68 0.33 11.56
CA ASP B 221 -16.49 1.74 11.25
CA ASP B 221 -16.49 1.73 11.21
C ASP B 221 -15.04 2.19 11.41
N ASP B 222 -14.53 3.00 10.46
CA ASP B 222 -13.17 3.52 10.48
C ASP B 222 -12.91 4.43 11.68
N ASN B 223 -13.95 5.09 12.21
CA ASN B 223 -13.81 5.97 13.38
CA ASN B 223 -13.80 5.98 13.36
C ASN B 223 -13.92 5.21 14.70
N ALA B 224 -14.13 3.88 14.66
CA ALA B 224 -14.26 3.11 15.90
C ALA B 224 -12.97 3.15 16.71
N SER B 225 -13.07 3.43 18.03
CA SER B 225 -11.88 3.53 18.87
C SER B 225 -11.54 2.18 19.52
N HIS B 226 -12.38 1.16 19.29
CA HIS B 226 -12.12 -0.22 19.71
C HIS B 226 -12.15 -1.09 18.51
N LYS B 227 -11.36 -2.14 18.57
CA LYS B 227 -11.32 -3.18 17.57
C LYS B 227 -11.11 -4.45 18.35
N ILE B 228 -12.01 -5.41 18.11
CA ILE B 228 -12.07 -6.67 18.82
C ILE B 228 -11.80 -7.77 17.81
N LEU B 229 -10.68 -8.49 18.03
CA LEU B 229 -10.28 -9.58 17.18
C LEU B 229 -10.59 -10.90 17.85
N ALA B 230 -11.54 -11.67 17.27
CA ALA B 230 -11.88 -12.98 17.77
C ALA B 230 -11.09 -13.99 16.98
N LEU B 231 -10.43 -14.92 17.69
CA LEU B 231 -9.68 -16.03 17.11
C LEU B 231 -10.45 -17.26 17.44
N MLY B 232 -11.03 -17.91 16.42
CA MLY B 232 -11.89 -19.06 16.62
CB MLY B 232 -13.29 -18.91 15.98
CG MLY B 232 -13.80 -17.45 15.99
CD MLY B 232 -14.91 -17.11 17.02
CE MLY B 232 -15.61 -18.37 17.57
NZ MLY B 232 -16.98 -17.96 17.94
CH1 MLY B 232 -17.80 -18.08 16.69
CH2 MLY B 232 -17.42 -18.93 18.98
C MLY B 232 -11.29 -20.31 16.04
O MLY B 232 -10.83 -20.28 14.90
N GLY B 233 -11.33 -21.40 16.82
CA GLY B 233 -10.83 -22.70 16.39
C GLY B 233 -11.67 -23.38 15.34
N ILE B 234 -11.01 -24.11 14.46
CA ILE B 234 -11.67 -24.89 13.41
C ILE B 234 -11.64 -26.32 13.87
N GLY B 235 -12.83 -26.90 14.08
CA GLY B 235 -12.98 -28.29 14.52
C GLY B 235 -12.59 -28.54 15.97
N ASN B 236 -12.64 -27.48 16.81
CA ASN B 236 -12.34 -27.53 18.23
C ASN B 236 -13.00 -26.32 18.91
N GLY B 237 -12.98 -26.31 20.24
CA GLY B 237 -13.62 -25.24 21.01
C GLY B 237 -12.80 -24.01 21.31
N PHE B 238 -11.58 -23.88 20.72
CA PHE B 238 -10.68 -22.73 20.93
C PHE B 238 -11.37 -21.41 20.59
N SER B 239 -11.26 -20.44 21.52
CA SER B 239 -11.81 -19.11 21.34
C SER B 239 -11.05 -18.13 22.21
N ASN B 240 -10.37 -17.19 21.57
CA ASN B 240 -9.66 -16.10 22.25
C ASN B 240 -10.14 -14.82 21.67
N ILE B 241 -10.28 -13.81 22.50
CA ILE B 241 -10.72 -12.51 22.07
C ILE B 241 -9.72 -11.46 22.54
N LEU B 242 -9.25 -10.64 21.58
CA LEU B 242 -8.29 -9.60 21.86
C LEU B 242 -8.97 -8.25 21.63
N TYR B 243 -9.00 -7.42 22.68
CA TYR B 243 -9.61 -6.08 22.68
C TYR B 243 -8.52 -5.06 22.52
N PHE B 244 -8.62 -4.25 21.45
CA PHE B 244 -7.67 -3.18 21.19
C PHE B 244 -8.38 -1.86 21.31
N GLN B 245 -7.68 -0.86 21.82
CA GLN B 245 -8.20 0.50 21.90
C GLN B 245 -7.23 1.45 21.20
N ARG B 246 -7.77 2.42 20.48
CA ARG B 246 -6.93 3.38 19.78
CA ARG B 246 -6.86 3.34 19.82
C ARG B 246 -6.70 4.60 20.67
N MLY B 247 -5.48 4.79 21.13
CA MLY B 247 -5.07 5.94 21.94
CB MLY B 247 -4.01 5.47 22.95
CG MLY B 247 -4.65 4.59 24.00
CD MLY B 247 -5.48 5.52 24.93
CE MLY B 247 -6.48 4.71 25.78
NZ MLY B 247 -6.71 5.38 27.08
CH1 MLY B 247 -7.98 4.84 27.64
CH2 MLY B 247 -5.58 4.94 27.97
C MLY B 247 -4.51 6.98 20.97
O MLY B 247 -4.35 6.67 19.77
N ASP B 248 -4.17 8.19 21.46
CA ASP B 248 -3.55 9.20 20.59
C ASP B 248 -2.22 8.66 20.04
N SER B 249 -1.51 7.90 20.89
CA SER B 249 -0.25 7.22 20.58
C SER B 249 -0.43 6.00 19.62
N GLY B 250 -1.69 5.61 19.34
CA GLY B 250 -2.04 4.49 18.45
C GLY B 250 -2.79 3.35 19.13
N TRP B 251 -2.97 2.23 18.39
CA TRP B 251 -3.67 1.06 18.91
C TRP B 251 -2.90 0.35 20.01
N GLU B 252 -3.61 -0.20 20.98
CA GLU B 252 -2.98 -1.00 22.02
C GLU B 252 -3.92 -2.08 22.49
N LEU B 253 -3.34 -3.25 22.80
CA LEU B 253 -4.08 -4.35 23.38
C LEU B 253 -4.32 -4.04 24.84
N TYR B 254 -5.57 -4.14 25.31
CA TYR B 254 -5.85 -3.83 26.71
C TYR B 254 -6.61 -4.95 27.42
N MLY B 255 -7.25 -5.85 26.68
CA MLY B 255 -7.99 -6.93 27.33
CB MLY B 255 -9.46 -6.55 27.58
CG MLY B 255 -10.35 -7.59 28.26
CD MLY B 255 -11.78 -6.97 28.32
CE MLY B 255 -12.75 -8.07 28.79
NZ MLY B 255 -14.09 -7.51 29.05
CH1 MLY B 255 -14.94 -7.37 27.83
CH2 MLY B 255 -14.78 -8.45 30.03
C MLY B 255 -7.86 -8.19 26.49
O MLY B 255 -7.91 -8.14 25.27
N PHE B 256 -7.64 -9.31 27.17
CA PHE B 256 -7.45 -10.63 26.59
C PHE B 256 -8.42 -11.56 27.28
N GLU B 257 -9.31 -12.14 26.47
CA GLU B 257 -10.38 -13.03 26.92
CA GLU B 257 -10.32 -13.04 27.00
C GLU B 257 -10.24 -14.41 26.36
N ASP B 258 -10.32 -15.43 27.20
CA ASP B 258 -10.32 -16.83 26.79
C ASP B 258 -11.75 -17.38 26.97
N THR B 259 -12.51 -17.52 25.89
CA THR B 259 -13.89 -18.04 25.97
C THR B 259 -13.96 -19.45 25.37
N SER B 260 -12.81 -20.17 25.39
CA SER B 260 -12.74 -21.54 24.86
C SER B 260 -13.74 -22.44 25.58
N ILE B 261 -14.28 -23.45 24.86
CA ILE B 261 -15.25 -24.42 25.40
C ILE B 261 -14.75 -25.85 25.20
C1 GOL C . 11.21 22.81 -16.93
O1 GOL C . 11.16 23.56 -18.18
C2 GOL C . 11.06 21.25 -17.04
O2 GOL C . 12.23 20.45 -16.69
C3 GOL C . 9.86 20.77 -16.22
O3 GOL C . 9.54 19.43 -16.61
C1 GOL D . 15.80 2.47 -24.90
O1 GOL D . 17.21 2.84 -24.88
C2 GOL D . 15.34 2.06 -26.32
O2 GOL D . 15.54 3.18 -27.21
C3 GOL D . 13.91 1.46 -26.33
O3 GOL D . 13.88 0.23 -25.55
C1 GOL E . -3.13 26.25 -9.39
O1 GOL E . -4.51 26.70 -9.50
C2 GOL E . -2.59 25.93 -10.79
O2 GOL E . -3.04 24.63 -11.08
C3 GOL E . -1.04 25.99 -10.93
O3 GOL E . -0.50 27.29 -11.24
C1 GOL F . 22.72 4.41 -16.18
O1 GOL F . 21.50 4.57 -15.46
C2 GOL F . 22.54 5.09 -17.52
O2 GOL F . 21.29 4.72 -18.19
C3 GOL F . 23.79 5.41 -18.36
O3 GOL F . 24.98 4.69 -17.99
C1 GOL G . 11.69 3.07 -14.09
O1 GOL G . 11.66 4.48 -14.16
C2 GOL G . 10.76 2.52 -12.98
O2 GOL G . 10.46 3.50 -11.99
C3 GOL G . 9.51 1.83 -13.62
O3 GOL G . 8.90 0.84 -12.76
C1 GOL H . 20.66 29.79 -20.75
O1 GOL H . 20.01 31.05 -20.49
C2 GOL H . 21.87 29.54 -19.81
O2 GOL H . 21.62 28.70 -18.71
C3 GOL H . 23.26 29.34 -20.46
O3 GOL H . 23.42 28.00 -20.96
C1 GOL I . 25.46 24.71 -19.98
O1 GOL I . 24.78 25.97 -19.97
C2 GOL I . 25.15 23.87 -21.23
O2 GOL I . 24.25 24.48 -22.19
C3 GOL I . 26.45 23.41 -21.89
O3 GOL I . 27.18 22.55 -21.00
C1 PEG J . 12.57 15.80 -2.97
O1 PEG J . 12.17 15.55 -4.32
C2 PEG J . 11.89 14.87 -2.02
O2 PEG J . 12.42 14.94 -0.70
C3 PEG J . 11.91 13.93 0.17
C4 PEG J . 12.96 13.36 1.08
O4 PEG J . 12.79 11.97 1.36
C1 PEG K . 23.96 20.89 -1.68
O1 PEG K . 24.10 19.68 -0.90
C2 PEG K . 25.19 21.78 -1.67
O2 PEG K . 25.38 22.51 -2.91
C3 PEG K . 26.74 22.96 -3.11
C4 PEG K . 27.21 22.84 -4.53
O4 PEG K . 28.58 23.21 -4.68
C1 PEG L . -3.13 -16.73 -1.08
O1 PEG L . -3.71 -16.83 -2.36
C2 PEG L . -1.96 -15.79 -1.03
O2 PEG L . -1.62 -15.50 0.31
C3 PEG L . -0.62 -14.49 0.42
C4 PEG L . -0.37 -14.12 1.85
O4 PEG L . 0.45 -12.98 1.97
C1 GOL M . -5.34 -24.44 19.18
O1 GOL M . -4.79 -23.66 20.27
C2 GOL M . -5.22 -23.78 17.78
O2 GOL M . -4.27 -22.68 17.68
C3 GOL M . -6.56 -23.29 17.29
O3 GOL M . -7.43 -24.41 17.12
C1 PEG N . -3.30 -20.62 10.13
O1 PEG N . -3.76 -21.81 10.88
C2 PEG N . -4.20 -19.44 10.32
O2 PEG N . -3.61 -18.20 9.89
C3 PEG N . -4.51 -17.30 9.20
C4 PEG N . -4.07 -17.09 7.73
O4 PEG N . -5.04 -17.47 6.73
#